data_3CG1
#
_entry.id   3CG1
#
_cell.length_a   46.460
_cell.length_b   109.790
_cell.length_c   55.430
_cell.angle_alpha   90.00
_cell.angle_beta   96.22
_cell.angle_gamma   90.00
#
_symmetry.space_group_name_H-M   'P 1 21 1'
#
loop_
_entity.id
_entity.type
_entity.pdbx_description
1 polymer 'UPF0100 protein PF0080'
2 non-polymer TUNGSTATE(VI)ION
3 water water
#
_entity_poly.entity_id   1
_entity_poly.type   'polypeptide(L)'
_entity_poly.pdbx_seq_one_letter_code
;GHMEVTLIVFHAGSLSVPFQEVEKEFSEYAERNLGIKVSFQDEASGSVMAVRKVTDLGRKADVIGVADYTLIPQLLIPNY
TDFYVLFATNEIVIAFTDKSRYVEEMKSNPDKWYEILAREDVRFGFSDPNQDPCGYRSLMVIKLADLYYGKEIFKELIEE
NTNIYSNGTQIYAPKEITVNPGKIVIRPKETDLLGLVESGSIDYIFIYKSVAKQHNLSYITLPSEINLGDFSKEKFYGQI
SITLGSTGKTIKAKPIVYGVTVLKDAPNREVAIEFLRYLLSENGKRIFEKNHQDFL
;
_entity_poly.pdbx_strand_id   A,B
#
# COMPACT_ATOMS: atom_id res chain seq x y z
N GLU A 4 11.51 -25.71 -9.46
CA GLU A 4 11.34 -24.78 -10.57
C GLU A 4 9.93 -24.18 -10.50
N VAL A 5 9.85 -22.86 -10.52
CA VAL A 5 8.57 -22.18 -10.45
C VAL A 5 8.43 -21.12 -11.53
N THR A 6 7.24 -21.01 -12.09
CA THR A 6 6.98 -19.98 -13.09
C THR A 6 5.86 -19.10 -12.56
N LEU A 7 6.19 -17.86 -12.25
CA LEU A 7 5.20 -16.92 -11.73
C LEU A 7 4.44 -16.30 -12.88
N ILE A 8 3.11 -16.23 -12.74
CA ILE A 8 2.26 -15.64 -13.75
C ILE A 8 2.01 -14.19 -13.34
N VAL A 9 2.46 -13.25 -14.17
CA VAL A 9 2.31 -11.82 -13.86
C VAL A 9 1.58 -11.06 -14.96
N PHE A 10 0.46 -10.44 -14.63
CA PHE A 10 -0.29 -9.62 -15.59
C PHE A 10 -0.03 -8.19 -15.14
N HIS A 11 0.40 -7.32 -16.03
CA HIS A 11 0.71 -5.95 -15.62
C HIS A 11 0.48 -4.90 -16.69
N ALA A 12 0.34 -3.67 -16.21
CA ALA A 12 0.15 -2.49 -17.04
C ALA A 12 1.28 -2.38 -18.07
N GLY A 13 0.92 -1.89 -19.25
CA GLY A 13 1.93 -1.72 -20.29
C GLY A 13 3.06 -0.81 -19.86
N SER A 14 2.74 0.24 -19.08
CA SER A 14 3.78 1.16 -18.65
C SER A 14 4.77 0.53 -17.66
N LEU A 15 4.41 -0.62 -17.10
CA LEU A 15 5.32 -1.31 -16.18
C LEU A 15 6.27 -2.27 -16.90
N SER A 16 6.12 -2.41 -18.22
CA SER A 16 6.97 -3.35 -18.94
C SER A 16 8.48 -3.23 -18.75
N VAL A 17 9.03 -2.04 -18.97
CA VAL A 17 10.48 -1.90 -18.84
C VAL A 17 11.00 -2.19 -17.43
N PRO A 18 10.45 -1.52 -16.40
CA PRO A 18 10.96 -1.80 -15.06
C PRO A 18 10.65 -3.23 -14.58
N PHE A 19 9.46 -3.75 -14.88
CA PHE A 19 9.15 -5.11 -14.44
C PHE A 19 10.06 -6.14 -15.07
N GLN A 20 10.48 -5.93 -16.31
CA GLN A 20 11.36 -6.88 -16.96
C GLN A 20 12.65 -6.98 -16.19
N GLU A 21 13.17 -5.82 -15.77
CA GLU A 21 14.43 -5.79 -15.04
C GLU A 21 14.25 -6.34 -13.63
N VAL A 22 13.12 -6.03 -12.99
CA VAL A 22 12.89 -6.55 -11.64
C VAL A 22 12.79 -8.07 -11.69
N GLU A 23 12.11 -8.60 -12.69
CA GLU A 23 11.97 -10.05 -12.84
C GLU A 23 13.34 -10.71 -13.07
N LYS A 24 14.14 -10.11 -13.94
CA LYS A 24 15.46 -10.64 -14.23
C LYS A 24 16.31 -10.70 -12.97
N GLU A 25 16.30 -9.62 -12.18
CA GLU A 25 17.08 -9.60 -10.94
C GLU A 25 16.52 -10.56 -9.90
N PHE A 26 15.20 -10.70 -9.86
CA PHE A 26 14.61 -11.60 -8.88
C PHE A 26 14.99 -13.05 -9.13
N SER A 27 15.07 -13.45 -10.40
CA SER A 27 15.43 -14.82 -10.73
C SER A 27 16.81 -15.13 -10.16
N GLU A 28 17.73 -14.17 -10.25
CA GLU A 28 19.07 -14.37 -9.72
C GLU A 28 18.99 -14.43 -8.19
N TYR A 29 18.22 -13.51 -7.60
CA TYR A 29 18.05 -13.46 -6.16
C TYR A 29 17.48 -14.76 -5.62
N ALA A 30 16.46 -15.27 -6.29
CA ALA A 30 15.79 -16.50 -5.87
C ALA A 30 16.73 -17.70 -5.90
N GLU A 31 17.61 -17.75 -6.90
CA GLU A 31 18.54 -18.88 -6.99
C GLU A 31 19.55 -18.84 -5.87
N ARG A 32 20.10 -17.65 -5.61
CA ARG A 32 21.11 -17.48 -4.58
C ARG A 32 20.60 -17.54 -3.13
N ASN A 33 19.40 -17.01 -2.90
CA ASN A 33 18.87 -16.97 -1.54
C ASN A 33 17.69 -17.88 -1.23
N LEU A 34 17.04 -18.42 -2.26
CA LEU A 34 15.89 -19.29 -2.06
C LEU A 34 16.11 -20.72 -2.55
N GLY A 35 17.20 -20.94 -3.28
CA GLY A 35 17.49 -22.27 -3.80
C GLY A 35 16.45 -22.77 -4.79
N ILE A 36 15.79 -21.83 -5.47
CA ILE A 36 14.75 -22.16 -6.43
C ILE A 36 14.95 -21.43 -7.75
N LYS A 37 14.58 -22.08 -8.86
CA LYS A 37 14.69 -21.47 -10.17
C LYS A 37 13.35 -20.85 -10.52
N VAL A 38 13.30 -19.53 -10.63
CA VAL A 38 12.07 -18.83 -10.95
C VAL A 38 12.04 -18.26 -12.35
N SER A 39 11.01 -18.64 -13.10
CA SER A 39 10.80 -18.16 -14.46
C SER A 39 9.50 -17.36 -14.42
N PHE A 40 9.23 -16.64 -15.50
CA PHE A 40 8.02 -15.82 -15.55
C PHE A 40 7.20 -15.96 -16.81
N GLN A 41 5.88 -15.92 -16.61
CA GLN A 41 4.94 -15.90 -17.71
C GLN A 41 4.40 -14.49 -17.52
N ASP A 42 5.10 -13.54 -18.12
CA ASP A 42 4.79 -12.12 -18.02
C ASP A 42 3.94 -11.63 -19.19
N GLU A 43 2.80 -11.02 -18.88
CA GLU A 43 1.89 -10.53 -19.92
C GLU A 43 1.54 -9.06 -19.71
N ALA A 44 1.86 -8.23 -20.70
CA ALA A 44 1.57 -6.80 -20.63
C ALA A 44 0.27 -6.48 -21.35
N SER A 45 -0.53 -5.60 -20.76
CA SER A 45 -1.79 -5.17 -21.36
C SER A 45 -2.23 -3.92 -20.60
N GLY A 46 -3.27 -3.26 -21.09
CA GLY A 46 -3.80 -2.11 -20.38
C GLY A 46 -4.22 -2.66 -19.03
N SER A 47 -4.10 -1.88 -17.97
CA SER A 47 -4.43 -2.38 -16.63
C SER A 47 -5.86 -2.90 -16.46
N VAL A 48 -6.82 -2.30 -17.15
CA VAL A 48 -8.20 -2.78 -16.98
C VAL A 48 -8.29 -4.17 -17.59
N MET A 49 -7.65 -4.35 -18.74
CA MET A 49 -7.65 -5.64 -19.40
C MET A 49 -6.92 -6.69 -18.56
N ALA A 50 -5.86 -6.28 -17.89
CA ALA A 50 -5.09 -7.19 -17.05
C ALA A 50 -5.98 -7.75 -15.95
N VAL A 51 -6.77 -6.86 -15.34
CA VAL A 51 -7.68 -7.28 -14.28
C VAL A 51 -8.79 -8.18 -14.82
N ARG A 52 -9.36 -7.81 -15.97
CA ARG A 52 -10.44 -8.60 -16.54
C ARG A 52 -10.01 -9.99 -17.02
N LYS A 53 -8.71 -10.21 -17.16
CA LYS A 53 -8.25 -11.53 -17.57
C LYS A 53 -8.64 -12.49 -16.46
N VAL A 54 -8.61 -11.99 -15.23
CA VAL A 54 -8.95 -12.78 -14.06
C VAL A 54 -10.45 -12.78 -13.76
N THR A 55 -11.04 -11.59 -13.76
CA THR A 55 -12.46 -11.46 -13.44
C THR A 55 -13.45 -11.88 -14.52
N ASP A 56 -13.05 -11.76 -15.79
CA ASP A 56 -13.96 -12.12 -16.88
C ASP A 56 -13.53 -13.34 -17.70
N LEU A 57 -12.23 -13.52 -17.89
CA LEU A 57 -11.75 -14.64 -18.69
C LEU A 57 -11.42 -15.88 -17.86
N GLY A 58 -11.58 -15.76 -16.55
CA GLY A 58 -11.31 -16.88 -15.66
C GLY A 58 -9.89 -17.42 -15.65
N ARG A 59 -8.93 -16.58 -15.99
CA ARG A 59 -7.55 -17.04 -16.01
C ARG A 59 -6.88 -17.00 -14.65
N LYS A 60 -5.88 -17.85 -14.47
CA LYS A 60 -5.15 -17.92 -13.22
C LYS A 60 -3.94 -17.00 -13.30
N ALA A 61 -3.57 -16.42 -12.17
CA ALA A 61 -2.43 -15.52 -12.12
C ALA A 61 -1.89 -15.44 -10.71
N ASP A 62 -0.64 -15.01 -10.58
CA ASP A 62 -0.04 -14.87 -9.27
C ASP A 62 -0.03 -13.40 -8.85
N VAL A 63 0.52 -12.57 -9.73
CA VAL A 63 0.67 -11.15 -9.46
C VAL A 63 -0.03 -10.25 -10.47
N ILE A 64 -0.72 -9.21 -9.97
CA ILE A 64 -1.39 -8.25 -10.84
C ILE A 64 -0.83 -6.86 -10.49
N GLY A 65 -0.27 -6.16 -11.48
CA GLY A 65 0.29 -4.84 -11.28
C GLY A 65 -0.48 -3.86 -12.16
N VAL A 66 -1.05 -2.82 -11.57
CA VAL A 66 -1.85 -1.86 -12.34
C VAL A 66 -1.35 -0.42 -12.23
N ALA A 67 -1.62 0.38 -13.27
CA ALA A 67 -1.19 1.79 -13.29
C ALA A 67 -2.12 2.69 -12.47
N ASP A 68 -3.31 2.20 -12.15
CA ASP A 68 -4.26 2.93 -11.31
C ASP A 68 -4.74 1.94 -10.26
N TYR A 69 -4.23 2.08 -9.03
CA TYR A 69 -4.57 1.17 -7.94
C TYR A 69 -6.07 0.98 -7.76
N THR A 70 -6.83 2.02 -8.10
CA THR A 70 -8.28 2.03 -7.99
C THR A 70 -8.90 0.70 -8.46
N LEU A 71 -8.39 0.19 -9.57
CA LEU A 71 -8.89 -1.05 -10.15
C LEU A 71 -8.88 -2.28 -9.24
N ILE A 72 -7.94 -2.35 -8.30
CA ILE A 72 -7.88 -3.51 -7.42
C ILE A 72 -9.03 -3.57 -6.42
N PRO A 73 -9.23 -2.51 -5.61
CA PRO A 73 -10.37 -2.62 -4.69
C PRO A 73 -11.69 -2.59 -5.45
N GLN A 74 -11.72 -1.89 -6.57
CA GLN A 74 -12.95 -1.77 -7.38
C GLN A 74 -13.38 -3.07 -8.03
N LEU A 75 -12.43 -3.81 -8.59
CA LEU A 75 -12.75 -5.04 -9.30
C LEU A 75 -12.29 -6.39 -8.74
N LEU A 76 -11.25 -6.40 -7.91
CA LEU A 76 -10.71 -7.65 -7.37
C LEU A 76 -10.94 -7.98 -5.90
N ILE A 77 -11.29 -6.97 -5.10
CA ILE A 77 -11.50 -7.18 -3.66
C ILE A 77 -13.01 -7.20 -3.38
N PRO A 78 -13.47 -8.14 -2.54
CA PRO A 78 -12.73 -9.19 -1.82
C PRO A 78 -12.71 -10.56 -2.50
N ASN A 79 -13.39 -10.69 -3.63
CA ASN A 79 -13.48 -11.97 -4.31
C ASN A 79 -12.20 -12.64 -4.79
N TYR A 80 -11.23 -11.86 -5.27
CA TYR A 80 -9.99 -12.45 -5.76
C TYR A 80 -8.75 -12.18 -4.92
N THR A 81 -8.79 -11.13 -4.10
CA THR A 81 -7.67 -10.81 -3.23
C THR A 81 -8.20 -9.93 -2.11
N ASP A 82 -7.38 -9.72 -1.08
CA ASP A 82 -7.79 -8.92 0.06
C ASP A 82 -6.82 -7.82 0.46
N PHE A 83 -5.94 -7.42 -0.47
CA PHE A 83 -4.99 -6.36 -0.18
C PHE A 83 -4.40 -5.82 -1.47
N TYR A 84 -3.74 -4.67 -1.34
CA TYR A 84 -3.00 -4.08 -2.44
C TYR A 84 -1.90 -3.24 -1.81
N VAL A 85 -0.84 -3.01 -2.58
CA VAL A 85 0.26 -2.18 -2.11
C VAL A 85 0.42 -1.03 -3.09
N LEU A 86 0.36 0.20 -2.60
CA LEU A 86 0.56 1.40 -3.43
C LEU A 86 2.08 1.57 -3.51
N PHE A 87 2.62 1.69 -4.72
CA PHE A 87 4.07 1.73 -4.81
C PHE A 87 4.77 2.68 -5.78
N ALA A 88 4.04 3.26 -6.72
CA ALA A 88 4.70 4.16 -7.68
C ALA A 88 3.77 5.22 -8.23
N THR A 89 4.36 6.21 -8.89
CA THR A 89 3.58 7.29 -9.46
C THR A 89 4.06 7.65 -10.87
N ASN A 90 3.48 8.69 -11.46
CA ASN A 90 3.84 9.12 -12.81
C ASN A 90 3.06 10.41 -13.12
N GLU A 91 3.20 10.90 -14.35
CA GLU A 91 2.47 12.08 -14.79
C GLU A 91 2.29 11.97 -16.29
N ILE A 92 1.25 12.60 -16.80
CA ILE A 92 0.97 12.58 -18.24
C ILE A 92 1.68 13.71 -18.96
N VAL A 93 2.34 13.39 -20.07
CA VAL A 93 3.03 14.40 -20.89
C VAL A 93 2.58 14.20 -22.34
N ILE A 94 2.97 15.12 -23.21
CA ILE A 94 2.67 14.97 -24.64
C ILE A 94 4.03 14.70 -25.29
N ALA A 95 4.17 13.52 -25.91
CA ALA A 95 5.44 13.14 -26.52
C ALA A 95 5.41 13.23 -28.04
N PHE A 96 6.59 13.34 -28.63
CA PHE A 96 6.73 13.51 -30.09
C PHE A 96 8.17 13.27 -30.51
N THR A 97 8.47 13.50 -31.79
CA THR A 97 9.85 13.32 -32.27
C THR A 97 10.12 14.38 -33.34
N ASP A 98 11.32 14.35 -33.91
CA ASP A 98 11.67 15.31 -34.95
C ASP A 98 10.79 15.19 -36.18
N LYS A 99 10.10 14.05 -36.33
CA LYS A 99 9.20 13.84 -37.47
C LYS A 99 7.78 14.36 -37.23
N SER A 100 7.55 15.00 -36.09
CA SER A 100 6.23 15.51 -35.75
C SER A 100 5.96 16.90 -36.32
N ARG A 101 4.79 17.09 -36.89
CA ARG A 101 4.40 18.39 -37.45
C ARG A 101 4.39 19.47 -36.36
N TYR A 102 5.04 20.59 -36.64
CA TYR A 102 5.10 21.73 -35.71
C TYR A 102 5.88 21.45 -34.43
N VAL A 103 6.79 20.47 -34.49
CA VAL A 103 7.58 20.13 -33.32
C VAL A 103 8.31 21.34 -32.72
N GLU A 104 8.87 22.19 -33.56
CA GLU A 104 9.58 23.36 -33.04
C GLU A 104 8.66 24.29 -32.27
N GLU A 105 7.46 24.49 -32.78
CA GLU A 105 6.48 25.37 -32.15
C GLU A 105 5.98 24.77 -30.84
N MET A 106 5.78 23.45 -30.80
CA MET A 106 5.32 22.80 -29.57
C MET A 106 6.37 22.98 -28.48
N LYS A 107 7.64 22.83 -28.84
CA LYS A 107 8.71 22.98 -27.86
C LYS A 107 8.84 24.42 -27.35
N SER A 108 8.68 25.38 -28.25
CA SER A 108 8.83 26.79 -27.89
C SER A 108 7.60 27.44 -27.25
N ASN A 109 6.43 26.85 -27.48
CA ASN A 109 5.17 27.38 -26.94
C ASN A 109 4.33 26.23 -26.39
N PRO A 110 4.86 25.51 -25.38
CA PRO A 110 4.12 24.39 -24.78
C PRO A 110 2.76 24.74 -24.18
N ASP A 111 2.58 26.00 -23.80
CA ASP A 111 1.31 26.43 -23.22
C ASP A 111 0.22 26.53 -24.27
N LYS A 112 0.59 26.33 -25.54
CA LYS A 112 -0.38 26.38 -26.62
C LYS A 112 -0.55 25.02 -27.30
N TRP A 113 -0.22 23.96 -26.56
CA TRP A 113 -0.32 22.60 -27.09
C TRP A 113 -1.67 22.25 -27.71
N TYR A 114 -2.75 22.71 -27.08
CA TYR A 114 -4.10 22.40 -27.54
C TYR A 114 -4.45 23.10 -28.86
N GLU A 115 -3.78 24.21 -29.14
CA GLU A 115 -4.03 24.90 -30.39
C GLU A 115 -3.33 24.10 -31.50
N ILE A 116 -2.13 23.62 -31.21
CA ILE A 116 -1.39 22.84 -32.20
C ILE A 116 -2.10 21.53 -32.52
N LEU A 117 -2.58 20.82 -31.50
CA LEU A 117 -3.28 19.56 -31.75
C LEU A 117 -4.59 19.76 -32.52
N ALA A 118 -5.12 20.98 -32.50
CA ALA A 118 -6.37 21.27 -33.20
C ALA A 118 -6.18 21.63 -34.68
N ARG A 119 -4.93 21.77 -35.12
CA ARG A 119 -4.69 22.09 -36.52
C ARG A 119 -5.05 20.89 -37.39
N GLU A 120 -5.70 21.17 -38.53
CA GLU A 120 -6.20 20.14 -39.44
C GLU A 120 -5.23 19.06 -39.88
N ASP A 121 -3.95 19.40 -40.01
CA ASP A 121 -2.96 18.43 -40.48
C ASP A 121 -2.28 17.60 -39.39
N VAL A 122 -2.52 17.94 -38.13
CA VAL A 122 -1.89 17.27 -37.01
C VAL A 122 -2.69 16.07 -36.50
N ARG A 123 -2.01 14.95 -36.30
CA ARG A 123 -2.66 13.75 -35.78
C ARG A 123 -2.09 13.41 -34.42
N PHE A 124 -2.96 12.95 -33.51
CA PHE A 124 -2.49 12.56 -32.19
C PHE A 124 -3.10 11.23 -31.78
N GLY A 125 -2.54 10.62 -30.73
CA GLY A 125 -3.05 9.35 -30.29
C GLY A 125 -3.09 9.18 -28.79
N PHE A 126 -3.96 8.28 -28.36
CA PHE A 126 -4.11 7.92 -26.96
C PHE A 126 -4.64 6.50 -26.96
N SER A 127 -4.56 5.81 -25.83
CA SER A 127 -5.02 4.43 -25.77
C SER A 127 -6.50 4.30 -25.41
N ASP A 128 -7.04 3.10 -25.61
CA ASP A 128 -8.45 2.81 -25.35
C ASP A 128 -8.76 2.93 -23.86
N PRO A 129 -9.58 3.91 -23.48
CA PRO A 129 -9.95 4.11 -22.08
C PRO A 129 -10.62 2.90 -21.44
N ASN A 130 -11.23 2.06 -22.28
CA ASN A 130 -11.90 0.86 -21.79
C ASN A 130 -10.93 -0.21 -21.32
N GLN A 131 -9.70 -0.13 -21.83
CA GLN A 131 -8.70 -1.13 -21.48
C GLN A 131 -7.50 -0.62 -20.70
N ASP A 132 -7.26 0.69 -20.77
CA ASP A 132 -6.03 1.21 -20.19
C ASP A 132 -6.13 2.56 -19.49
N PRO A 133 -5.65 2.63 -18.24
CA PRO A 133 -5.68 3.88 -17.49
C PRO A 133 -5.04 5.06 -18.24
N CYS A 134 -3.94 4.81 -18.96
CA CYS A 134 -3.30 5.91 -19.66
C CYS A 134 -4.30 6.53 -20.62
N GLY A 135 -5.14 5.69 -21.22
CA GLY A 135 -6.15 6.16 -22.13
C GLY A 135 -7.21 6.99 -21.44
N TYR A 136 -7.81 6.48 -20.36
CA TYR A 136 -8.83 7.30 -19.71
C TYR A 136 -8.24 8.54 -19.05
N ARG A 137 -6.98 8.45 -18.64
CA ARG A 137 -6.31 9.61 -18.04
C ARG A 137 -6.05 10.67 -19.11
N SER A 138 -5.77 10.23 -20.34
CA SER A 138 -5.54 11.18 -21.42
C SER A 138 -6.79 12.02 -21.64
N LEU A 139 -7.95 11.37 -21.62
CA LEU A 139 -9.20 12.06 -21.81
C LEU A 139 -9.46 12.98 -20.60
N MET A 140 -9.11 12.52 -19.40
CA MET A 140 -9.29 13.33 -18.19
C MET A 140 -8.43 14.60 -18.30
N VAL A 141 -7.19 14.43 -18.77
CA VAL A 141 -6.27 15.56 -18.93
C VAL A 141 -6.84 16.64 -19.86
N ILE A 142 -7.39 16.22 -20.99
CA ILE A 142 -7.96 17.15 -21.97
C ILE A 142 -9.19 17.84 -21.38
N LYS A 143 -10.00 17.10 -20.64
CA LYS A 143 -11.20 17.68 -20.02
C LYS A 143 -10.81 18.67 -18.91
N LEU A 144 -9.74 18.36 -18.18
CA LEU A 144 -9.25 19.24 -17.12
C LEU A 144 -8.69 20.51 -17.77
N ALA A 145 -8.20 20.37 -19.01
CA ALA A 145 -7.66 21.51 -19.75
C ALA A 145 -8.78 22.53 -19.99
N ASP A 146 -9.98 22.04 -20.26
CA ASP A 146 -11.14 22.91 -20.47
C ASP A 146 -11.26 23.83 -19.26
N LEU A 147 -11.24 23.22 -18.08
CA LEU A 147 -11.39 23.98 -16.85
C LEU A 147 -10.21 24.91 -16.55
N TYR A 148 -9.00 24.39 -16.75
CA TYR A 148 -7.79 25.16 -16.48
C TYR A 148 -7.58 26.38 -17.39
N TYR A 149 -7.82 26.20 -18.70
CA TYR A 149 -7.65 27.29 -19.66
C TYR A 149 -8.91 28.11 -19.92
N GLY A 150 -10.08 27.52 -19.64
CA GLY A 150 -11.33 28.22 -19.87
C GLY A 150 -11.78 28.16 -21.32
N LYS A 151 -11.45 27.05 -21.99
CA LYS A 151 -11.78 26.88 -23.41
C LYS A 151 -12.42 25.52 -23.69
N GLU A 152 -13.07 25.40 -24.84
CA GLU A 152 -13.73 24.15 -25.20
C GLU A 152 -12.77 23.24 -25.97
N ILE A 153 -11.70 22.85 -25.29
CA ILE A 153 -10.67 22.00 -25.88
C ILE A 153 -11.14 20.57 -26.08
N PHE A 154 -11.82 20.01 -25.09
CA PHE A 154 -12.30 18.63 -25.20
C PHE A 154 -13.26 18.49 -26.39
N LYS A 155 -14.12 19.49 -26.58
CA LYS A 155 -15.05 19.45 -27.69
C LYS A 155 -14.30 19.44 -29.01
N GLU A 156 -13.35 20.36 -29.15
CA GLU A 156 -12.59 20.50 -30.40
C GLU A 156 -11.67 19.33 -30.73
N LEU A 157 -11.01 18.77 -29.72
CA LEU A 157 -10.08 17.67 -29.97
C LEU A 157 -10.70 16.28 -29.91
N ILE A 158 -11.62 16.07 -28.99
CA ILE A 158 -12.21 14.75 -28.82
C ILE A 158 -13.64 14.55 -29.35
N GLU A 159 -14.58 15.35 -28.87
CA GLU A 159 -15.96 15.17 -29.29
C GLU A 159 -16.20 15.29 -30.79
N GLU A 160 -15.53 16.23 -31.45
CA GLU A 160 -15.71 16.41 -32.88
C GLU A 160 -14.96 15.41 -33.75
N ASN A 161 -14.12 14.59 -33.11
CA ASN A 161 -13.32 13.60 -33.82
C ASN A 161 -13.57 12.16 -33.40
N THR A 162 -14.48 11.94 -32.46
CA THR A 162 -14.75 10.59 -31.97
C THR A 162 -16.20 10.49 -31.52
N ASN A 163 -16.58 9.32 -31.00
CA ASN A 163 -17.93 9.12 -30.49
C ASN A 163 -17.87 9.15 -28.97
N ILE A 164 -16.76 9.63 -28.43
CA ILE A 164 -16.57 9.77 -27.00
C ILE A 164 -17.26 11.10 -26.68
N TYR A 165 -17.90 11.18 -25.53
CA TYR A 165 -18.61 12.40 -25.19
C TYR A 165 -18.52 12.68 -23.70
N SER A 166 -19.02 13.83 -23.28
CA SER A 166 -18.99 14.20 -21.86
C SER A 166 -20.25 14.94 -21.43
N ASN A 167 -20.82 14.50 -20.32
CA ASN A 167 -22.01 15.15 -19.76
C ASN A 167 -21.46 15.97 -18.58
N GLY A 168 -21.25 17.26 -18.81
CA GLY A 168 -20.71 18.09 -17.76
C GLY A 168 -19.29 17.62 -17.49
N THR A 169 -18.96 17.39 -16.23
CA THR A 169 -17.62 16.94 -15.84
C THR A 169 -17.46 15.43 -15.95
N GLN A 170 -18.49 14.76 -16.45
CA GLN A 170 -18.48 13.30 -16.59
C GLN A 170 -18.19 12.86 -18.02
N ILE A 171 -17.09 12.13 -18.20
CA ILE A 171 -16.75 11.63 -19.52
C ILE A 171 -17.28 10.20 -19.63
N TYR A 172 -17.73 9.82 -20.83
CA TYR A 172 -18.22 8.46 -21.05
C TYR A 172 -17.49 7.83 -22.21
N ALA A 173 -16.92 6.66 -21.97
CA ALA A 173 -16.23 5.97 -23.05
C ALA A 173 -17.13 4.83 -23.53
N PRO A 174 -17.70 4.95 -24.74
CA PRO A 174 -18.56 3.86 -25.22
C PRO A 174 -17.73 2.58 -25.29
N LYS A 175 -18.39 1.44 -25.12
CA LYS A 175 -17.70 0.15 -25.17
C LYS A 175 -16.92 0.04 -26.49
N GLU A 176 -17.53 0.52 -27.56
CA GLU A 176 -16.91 0.49 -28.89
C GLU A 176 -16.68 1.91 -29.37
N ILE A 177 -15.43 2.36 -29.29
CA ILE A 177 -15.08 3.71 -29.71
C ILE A 177 -14.73 3.82 -31.20
N THR A 178 -15.20 4.89 -31.83
CA THR A 178 -14.92 5.16 -33.24
C THR A 178 -14.22 6.52 -33.29
N VAL A 179 -13.28 6.67 -34.21
CA VAL A 179 -12.54 7.92 -34.33
C VAL A 179 -12.28 8.30 -35.77
N ASN A 180 -12.07 9.60 -35.99
CA ASN A 180 -11.75 10.17 -37.30
C ASN A 180 -10.27 9.88 -37.55
N PRO A 181 -9.95 8.97 -38.49
CA PRO A 181 -8.55 8.64 -38.77
C PRO A 181 -7.71 9.81 -39.29
N GLY A 182 -8.36 10.89 -39.70
CA GLY A 182 -7.61 12.04 -40.18
C GLY A 182 -7.04 12.83 -39.01
N LYS A 183 -7.48 12.51 -37.80
CA LYS A 183 -7.02 13.23 -36.62
C LYS A 183 -6.51 12.38 -35.46
N ILE A 184 -7.07 11.19 -35.29
CA ILE A 184 -6.73 10.34 -34.15
C ILE A 184 -6.47 8.87 -34.44
N VAL A 185 -5.60 8.26 -33.66
CA VAL A 185 -5.31 6.83 -33.73
C VAL A 185 -5.41 6.33 -32.29
N ILE A 186 -6.16 5.25 -32.09
CA ILE A 186 -6.31 4.66 -30.76
C ILE A 186 -5.79 3.22 -30.81
N ARG A 187 -5.21 2.76 -29.70
CA ARG A 187 -4.70 1.40 -29.61
C ARG A 187 -5.10 0.84 -28.23
N PRO A 188 -5.04 -0.48 -28.05
CA PRO A 188 -5.40 -1.14 -26.79
C PRO A 188 -4.62 -0.68 -25.55
N LYS A 189 -3.36 -0.33 -25.71
CA LYS A 189 -2.57 0.16 -24.57
C LYS A 189 -1.60 1.23 -25.05
N GLU A 190 -1.23 2.13 -24.14
CA GLU A 190 -0.36 3.22 -24.51
C GLU A 190 0.97 2.87 -25.17
N THR A 191 1.61 1.80 -24.72
CA THR A 191 2.90 1.44 -25.30
C THR A 191 2.77 1.02 -26.77
N ASP A 192 1.55 0.71 -27.22
CA ASP A 192 1.34 0.33 -28.62
C ASP A 192 1.50 1.56 -29.52
N LEU A 193 1.45 2.75 -28.92
CA LEU A 193 1.55 4.00 -29.69
C LEU A 193 2.98 4.41 -29.99
N LEU A 194 3.95 3.83 -29.29
CA LEU A 194 5.34 4.21 -29.47
C LEU A 194 5.86 4.09 -30.89
N GLY A 195 5.63 2.96 -31.54
CA GLY A 195 6.10 2.79 -32.90
C GLY A 195 5.47 3.79 -33.86
N LEU A 196 4.20 4.12 -33.63
CA LEU A 196 3.49 5.06 -34.49
C LEU A 196 4.07 6.47 -34.43
N VAL A 197 4.35 6.96 -33.23
CA VAL A 197 4.91 8.29 -33.12
C VAL A 197 6.38 8.28 -33.59
N GLU A 198 7.11 7.18 -33.37
CA GLU A 198 8.50 7.13 -33.83
C GLU A 198 8.60 7.14 -35.35
N SER A 199 7.60 6.55 -36.01
CA SER A 199 7.61 6.50 -37.49
C SER A 199 7.13 7.81 -38.09
N GLY A 200 6.58 8.69 -37.26
CA GLY A 200 6.06 9.94 -37.76
C GLY A 200 4.63 9.86 -38.25
N SER A 201 4.04 8.67 -38.24
CA SER A 201 2.66 8.52 -38.72
C SER A 201 1.68 9.31 -37.84
N ILE A 202 1.99 9.43 -36.55
CA ILE A 202 1.18 10.26 -35.66
C ILE A 202 2.16 11.30 -35.12
N ASP A 203 1.69 12.53 -34.93
CA ASP A 203 2.58 13.59 -34.48
C ASP A 203 2.78 13.72 -32.98
N TYR A 204 1.71 13.50 -32.23
CA TYR A 204 1.77 13.63 -30.78
C TYR A 204 1.01 12.54 -30.07
N ILE A 205 1.54 12.07 -28.95
CA ILE A 205 0.81 11.08 -28.18
C ILE A 205 0.76 11.49 -26.71
N PHE A 206 -0.34 11.13 -26.06
CA PHE A 206 -0.49 11.39 -24.62
C PHE A 206 0.04 10.11 -23.99
N ILE A 207 1.03 10.25 -23.12
CA ILE A 207 1.64 9.07 -22.49
C ILE A 207 2.37 9.45 -21.21
N TYR A 208 2.73 8.44 -20.42
CA TYR A 208 3.43 8.68 -19.16
C TYR A 208 4.85 9.21 -19.40
N LYS A 209 5.28 10.12 -18.54
CA LYS A 209 6.61 10.67 -18.61
C LYS A 209 7.65 9.57 -18.53
N SER A 210 7.45 8.58 -17.65
CA SER A 210 8.42 7.51 -17.52
C SER A 210 8.62 6.75 -18.83
N VAL A 211 7.52 6.48 -19.53
CA VAL A 211 7.59 5.74 -20.78
C VAL A 211 8.22 6.60 -21.90
N ALA A 212 7.95 7.90 -21.91
CA ALA A 212 8.55 8.76 -22.94
C ALA A 212 10.06 8.72 -22.76
N LYS A 213 10.51 8.83 -21.50
CA LYS A 213 11.94 8.82 -21.21
C LYS A 213 12.59 7.46 -21.49
N GLN A 214 11.88 6.37 -21.19
CA GLN A 214 12.43 5.04 -21.43
C GLN A 214 12.69 4.81 -22.90
N HIS A 215 11.90 5.46 -23.74
CA HIS A 215 12.02 5.28 -25.18
C HIS A 215 12.67 6.44 -25.92
N ASN A 216 13.31 7.31 -25.15
CA ASN A 216 14.03 8.47 -25.70
C ASN A 216 13.18 9.40 -26.56
N LEU A 217 11.93 9.57 -26.18
CA LEU A 217 11.04 10.46 -26.90
C LEU A 217 11.13 11.86 -26.33
N SER A 218 11.00 12.87 -27.18
CA SER A 218 11.00 14.25 -26.71
C SER A 218 9.59 14.45 -26.17
N TYR A 219 9.41 15.43 -25.29
CA TYR A 219 8.09 15.69 -24.74
C TYR A 219 8.01 17.07 -24.09
N ILE A 220 6.80 17.51 -23.84
CA ILE A 220 6.60 18.75 -23.11
C ILE A 220 5.76 18.40 -21.90
N THR A 221 5.98 19.12 -20.81
CA THR A 221 5.20 18.87 -19.61
C THR A 221 3.97 19.78 -19.66
N LEU A 222 2.92 19.36 -18.98
CA LEU A 222 1.65 20.08 -18.93
C LEU A 222 1.49 20.69 -17.53
N PRO A 223 0.54 21.62 -17.36
CA PRO A 223 0.32 22.25 -16.05
C PRO A 223 0.04 21.20 -14.97
N SER A 224 0.52 21.47 -13.76
CA SER A 224 0.31 20.53 -12.67
C SER A 224 -1.18 20.38 -12.39
N GLU A 225 -1.96 21.39 -12.74
CA GLU A 225 -3.41 21.32 -12.52
C GLU A 225 -4.08 20.26 -13.40
N ILE A 226 -3.43 19.85 -14.48
CA ILE A 226 -4.04 18.85 -15.36
C ILE A 226 -3.22 17.60 -15.64
N ASN A 227 -1.96 17.55 -15.23
CA ASN A 227 -1.15 16.38 -15.59
C ASN A 227 -1.23 15.11 -14.74
N LEU A 228 -2.01 15.18 -13.66
CA LEU A 228 -2.25 14.06 -12.75
C LEU A 228 -1.03 13.57 -11.99
N GLY A 229 0.05 14.34 -11.99
CA GLY A 229 1.24 13.91 -11.27
C GLY A 229 1.56 14.69 -10.02
N ASP A 230 0.73 15.69 -9.72
CA ASP A 230 0.95 16.54 -8.54
C ASP A 230 -0.10 16.22 -7.48
N PHE A 231 0.34 15.60 -6.39
CA PHE A 231 -0.59 15.23 -5.33
C PHE A 231 -1.29 16.41 -4.69
N SER A 232 -0.66 17.58 -4.72
CA SER A 232 -1.28 18.75 -4.12
C SER A 232 -2.45 19.27 -4.94
N LYS A 233 -2.62 18.75 -6.15
CA LYS A 233 -3.72 19.20 -7.03
C LYS A 233 -4.90 18.23 -7.05
N GLU A 234 -4.97 17.37 -6.06
CA GLU A 234 -6.05 16.39 -5.97
C GLU A 234 -7.45 16.98 -6.10
N LYS A 235 -7.70 18.12 -5.46
CA LYS A 235 -9.04 18.70 -5.55
C LYS A 235 -9.38 19.20 -6.96
N PHE A 236 -8.42 19.78 -7.65
CA PHE A 236 -8.69 20.26 -9.01
C PHE A 236 -8.95 19.04 -9.91
N TYR A 237 -8.12 18.02 -9.78
CA TYR A 237 -8.27 16.82 -10.61
C TYR A 237 -9.65 16.21 -10.41
N GLY A 238 -10.06 16.16 -9.14
CA GLY A 238 -11.34 15.56 -8.78
C GLY A 238 -12.59 16.12 -9.38
N GLN A 239 -12.49 17.25 -10.07
CA GLN A 239 -13.65 17.85 -10.70
C GLN A 239 -14.14 16.98 -11.86
N ILE A 240 -13.26 16.12 -12.35
CA ILE A 240 -13.54 15.26 -13.51
C ILE A 240 -13.53 13.76 -13.22
N SER A 241 -14.38 13.03 -13.94
CA SER A 241 -14.46 11.57 -13.79
C SER A 241 -14.83 10.92 -15.12
N ILE A 242 -14.63 9.61 -15.22
CA ILE A 242 -14.95 8.90 -16.45
C ILE A 242 -15.62 7.56 -16.15
N THR A 243 -16.52 7.15 -17.03
CA THR A 243 -17.23 5.88 -16.88
C THR A 243 -16.89 4.99 -18.08
N LEU A 244 -16.35 3.81 -17.82
CA LEU A 244 -15.93 2.90 -18.89
C LEU A 244 -17.00 1.94 -19.39
N GLY A 245 -17.04 1.74 -20.70
CA GLY A 245 -18.01 0.83 -21.29
C GLY A 245 -17.60 -0.61 -21.02
N SER A 246 -16.31 -0.83 -20.81
CA SER A 246 -15.80 -2.18 -20.56
C SER A 246 -16.26 -2.72 -19.20
N THR A 247 -16.18 -1.89 -18.17
CA THR A 247 -16.56 -2.31 -16.82
C THR A 247 -17.89 -1.73 -16.35
N GLY A 248 -18.32 -0.65 -16.98
CA GLY A 248 -19.56 0.00 -16.61
C GLY A 248 -19.40 0.80 -15.33
N LYS A 249 -18.16 0.85 -14.82
CA LYS A 249 -17.89 1.58 -13.58
C LYS A 249 -17.21 2.93 -13.81
N THR A 250 -17.29 3.79 -12.80
CA THR A 250 -16.73 5.13 -12.89
C THR A 250 -15.43 5.28 -12.09
N ILE A 251 -14.50 6.06 -12.64
CA ILE A 251 -13.21 6.32 -12.01
C ILE A 251 -13.00 7.82 -12.03
N LYS A 252 -12.68 8.39 -10.87
CA LYS A 252 -12.46 9.82 -10.73
C LYS A 252 -11.04 10.20 -11.11
N ALA A 253 -10.85 11.39 -11.68
CA ALA A 253 -9.49 11.83 -12.03
C ALA A 253 -8.82 12.08 -10.69
N LYS A 254 -7.61 11.54 -10.53
CA LYS A 254 -6.88 11.66 -9.27
C LYS A 254 -5.39 11.50 -9.55
N PRO A 255 -4.53 11.83 -8.57
CA PRO A 255 -3.09 11.68 -8.77
C PRO A 255 -2.78 10.22 -9.15
N ILE A 256 -1.82 10.04 -10.04
CA ILE A 256 -1.43 8.71 -10.50
C ILE A 256 -0.72 7.88 -9.44
N VAL A 257 -1.33 6.76 -9.05
CA VAL A 257 -0.72 5.86 -8.07
C VAL A 257 -0.90 4.42 -8.54
N TYR A 258 0.22 3.74 -8.73
CA TYR A 258 0.26 2.35 -9.19
C TYR A 258 0.05 1.42 -7.99
N GLY A 259 -0.61 0.28 -8.24
CA GLY A 259 -0.85 -0.66 -7.17
C GLY A 259 -0.49 -2.08 -7.61
N VAL A 260 -0.17 -2.95 -6.66
CA VAL A 260 0.17 -4.32 -6.99
C VAL A 260 -0.43 -5.23 -5.94
N THR A 261 -0.76 -6.45 -6.35
CA THR A 261 -1.33 -7.41 -5.40
C THR A 261 -0.98 -8.83 -5.82
N VAL A 262 -1.22 -9.77 -4.92
CA VAL A 262 -1.00 -11.19 -5.21
C VAL A 262 -2.37 -11.82 -4.95
N LEU A 263 -2.84 -12.61 -5.89
CA LEU A 263 -4.16 -13.22 -5.75
C LEU A 263 -4.22 -14.21 -4.59
N LYS A 264 -5.36 -14.27 -3.93
CA LYS A 264 -5.51 -15.16 -2.79
C LYS A 264 -5.23 -16.61 -3.18
N ASP A 265 -5.70 -17.01 -4.36
CA ASP A 265 -5.50 -18.37 -4.83
C ASP A 265 -4.35 -18.52 -5.81
N ALA A 266 -3.39 -17.61 -5.73
CA ALA A 266 -2.22 -17.66 -6.61
C ALA A 266 -1.63 -19.07 -6.59
N PRO A 267 -1.33 -19.63 -7.76
CA PRO A 267 -0.76 -20.99 -7.80
C PRO A 267 0.57 -21.13 -7.04
N ASN A 268 1.37 -20.06 -7.01
CA ASN A 268 2.63 -20.06 -6.29
C ASN A 268 2.69 -18.85 -5.37
N ARG A 269 1.79 -18.85 -4.39
CA ARG A 269 1.62 -17.78 -3.41
C ARG A 269 2.87 -17.31 -2.69
N GLU A 270 3.60 -18.23 -2.07
CA GLU A 270 4.79 -17.83 -1.33
C GLU A 270 5.86 -17.17 -2.20
N VAL A 271 6.15 -17.74 -3.36
CA VAL A 271 7.15 -17.17 -4.24
C VAL A 271 6.66 -15.83 -4.77
N ALA A 272 5.36 -15.72 -5.02
CA ALA A 272 4.77 -14.47 -5.51
C ALA A 272 4.94 -13.37 -4.47
N ILE A 273 4.76 -13.71 -3.19
CA ILE A 273 4.91 -12.73 -2.13
C ILE A 273 6.40 -12.31 -2.01
N GLU A 274 7.31 -13.26 -2.23
CA GLU A 274 8.74 -12.95 -2.19
C GLU A 274 9.06 -11.98 -3.32
N PHE A 275 8.44 -12.21 -4.48
CA PHE A 275 8.66 -11.34 -5.64
C PHE A 275 8.18 -9.93 -5.29
N LEU A 276 7.00 -9.85 -4.69
CA LEU A 276 6.46 -8.56 -4.30
C LEU A 276 7.40 -7.82 -3.35
N ARG A 277 7.91 -8.50 -2.33
CA ARG A 277 8.82 -7.81 -1.42
C ARG A 277 10.10 -7.35 -2.11
N TYR A 278 10.56 -8.11 -3.11
CA TYR A 278 11.76 -7.73 -3.84
C TYR A 278 11.46 -6.46 -4.63
N LEU A 279 10.29 -6.42 -5.24
CA LEU A 279 9.85 -5.26 -6.00
C LEU A 279 9.81 -4.01 -5.11
N LEU A 280 9.34 -4.16 -3.88
CA LEU A 280 9.23 -3.03 -2.96
C LEU A 280 10.55 -2.64 -2.26
N SER A 281 11.51 -3.54 -2.30
CA SER A 281 12.81 -3.31 -1.68
C SER A 281 13.62 -2.23 -2.37
N GLU A 282 14.79 -1.92 -1.80
CA GLU A 282 15.67 -0.92 -2.38
C GLU A 282 16.08 -1.32 -3.80
N ASN A 283 16.08 -2.63 -4.06
CA ASN A 283 16.44 -3.13 -5.38
C ASN A 283 15.39 -2.69 -6.41
N GLY A 284 14.13 -2.88 -6.05
CA GLY A 284 13.05 -2.47 -6.94
C GLY A 284 13.08 -0.96 -7.15
N LYS A 285 13.26 -0.23 -6.06
CA LYS A 285 13.31 1.23 -6.13
C LYS A 285 14.44 1.66 -7.06
N ARG A 286 15.61 1.06 -6.90
CA ARG A 286 16.78 1.36 -7.73
C ARG A 286 16.47 1.13 -9.20
N ILE A 287 15.80 0.03 -9.50
CA ILE A 287 15.45 -0.33 -10.87
C ILE A 287 14.44 0.64 -11.48
N PHE A 288 13.42 1.02 -10.70
CA PHE A 288 12.45 1.95 -11.24
C PHE A 288 13.06 3.33 -11.50
N GLU A 289 13.91 3.79 -10.59
CA GLU A 289 14.53 5.10 -10.76
C GLU A 289 15.47 5.09 -11.96
N LYS A 290 16.20 3.99 -12.13
CA LYS A 290 17.12 3.85 -13.26
C LYS A 290 16.29 3.95 -14.54
N ASN A 291 15.05 3.49 -14.48
CA ASN A 291 14.17 3.53 -15.63
C ASN A 291 13.16 4.67 -15.66
N HIS A 292 13.54 5.78 -15.02
CA HIS A 292 12.74 6.99 -15.02
C HIS A 292 11.34 7.00 -14.42
N GLN A 293 11.10 6.18 -13.40
CA GLN A 293 9.80 6.18 -12.74
C GLN A 293 10.02 6.25 -11.23
N ASP A 294 9.33 7.17 -10.57
CA ASP A 294 9.47 7.30 -9.13
C ASP A 294 8.56 6.40 -8.33
N PHE A 295 9.06 5.93 -7.19
CA PHE A 295 8.24 5.13 -6.29
C PHE A 295 7.38 6.12 -5.52
N LEU A 296 6.32 5.62 -4.89
CA LEU A 296 5.42 6.47 -4.12
C LEU A 296 6.13 6.94 -2.86
N GLU B 4 0.70 28.49 9.87
CA GLU B 4 0.92 27.37 10.79
C GLU B 4 -0.16 26.30 10.65
N VAL B 5 0.26 25.05 10.51
CA VAL B 5 -0.68 23.93 10.38
C VAL B 5 -0.34 22.87 11.42
N THR B 6 -1.36 22.35 12.10
CA THR B 6 -1.15 21.29 13.08
C THR B 6 -1.84 20.01 12.63
N LEU B 7 -1.04 19.01 12.27
CA LEU B 7 -1.59 17.73 11.82
C LEU B 7 -1.97 16.86 13.01
N ILE B 8 -3.16 16.27 12.95
CA ILE B 8 -3.65 15.40 14.01
C ILE B 8 -3.36 13.97 13.56
N VAL B 9 -2.54 13.27 14.33
CA VAL B 9 -2.13 11.91 13.98
C VAL B 9 -2.40 10.93 15.12
N PHE B 10 -3.21 9.91 14.84
CA PHE B 10 -3.51 8.86 15.83
C PHE B 10 -2.73 7.64 15.35
N HIS B 11 -1.95 7.03 16.23
CA HIS B 11 -1.13 5.90 15.80
C HIS B 11 -0.87 4.85 16.86
N ALA B 12 -0.58 3.65 16.35
CA ALA B 12 -0.21 2.49 17.16
C ALA B 12 0.92 2.86 18.13
N GLY B 13 0.89 2.28 19.32
CA GLY B 13 1.93 2.56 20.29
C GLY B 13 3.32 2.18 19.80
N SER B 14 3.41 1.08 19.04
CA SER B 14 4.72 0.67 18.55
C SER B 14 5.32 1.66 17.56
N LEU B 15 4.49 2.54 17.00
CA LEU B 15 5.01 3.53 16.06
C LEU B 15 5.56 4.79 16.75
N SER B 16 5.43 4.86 18.06
CA SER B 16 5.88 6.04 18.77
C SER B 16 7.30 6.52 18.51
N VAL B 17 8.28 5.66 18.66
CA VAL B 17 9.65 6.09 18.44
C VAL B 17 9.94 6.55 17.01
N PRO B 18 9.62 5.71 16.00
CA PRO B 18 9.91 6.21 14.65
C PRO B 18 9.05 7.40 14.20
N PHE B 19 7.78 7.42 14.58
CA PHE B 19 6.93 8.53 14.19
C PHE B 19 7.40 9.86 14.80
N GLN B 20 7.94 9.83 16.03
CA GLN B 20 8.44 11.05 16.65
C GLN B 20 9.54 11.66 15.77
N GLU B 21 10.44 10.82 15.26
CA GLU B 21 11.53 11.32 14.42
C GLU B 21 11.05 11.73 13.02
N VAL B 22 10.12 10.98 12.46
CA VAL B 22 9.60 11.34 11.13
C VAL B 22 8.86 12.68 11.20
N GLU B 23 8.12 12.90 12.28
CA GLU B 23 7.39 14.15 12.45
C GLU B 23 8.36 15.32 12.59
N LYS B 24 9.42 15.13 13.37
CA LYS B 24 10.42 16.18 13.56
C LYS B 24 11.05 16.56 12.21
N GLU B 25 11.44 15.56 11.43
CA GLU B 25 12.06 15.83 10.14
C GLU B 25 11.08 16.41 9.13
N PHE B 26 9.81 15.99 9.20
CA PHE B 26 8.84 16.52 8.25
C PHE B 26 8.63 18.01 8.49
N SER B 27 8.67 18.41 9.76
CA SER B 27 8.49 19.81 10.10
C SER B 27 9.58 20.63 9.42
N GLU B 28 10.80 20.10 9.39
CA GLU B 28 11.92 20.78 8.74
C GLU B 28 11.68 20.79 7.24
N TYR B 29 11.27 19.65 6.71
CA TYR B 29 10.98 19.53 5.28
C TYR B 29 9.91 20.52 4.85
N ALA B 30 8.86 20.64 5.66
CA ALA B 30 7.76 21.55 5.36
C ALA B 30 8.22 23.00 5.24
N GLU B 31 9.10 23.43 6.14
CA GLU B 31 9.57 24.81 6.09
C GLU B 31 10.44 25.05 4.87
N ARG B 32 11.21 24.06 4.46
CA ARG B 32 12.09 24.19 3.30
C ARG B 32 11.35 24.14 1.97
N ASN B 33 10.44 23.18 1.84
CA ASN B 33 9.71 22.99 0.58
C ASN B 33 8.25 23.42 0.49
N LEU B 34 7.56 23.56 1.62
CA LEU B 34 6.15 23.93 1.58
C LEU B 34 5.81 25.34 2.06
N GLY B 35 6.81 26.08 2.51
CA GLY B 35 6.59 27.44 2.96
C GLY B 35 5.64 27.59 4.14
N ILE B 36 5.56 26.57 4.98
CA ILE B 36 4.68 26.63 6.14
C ILE B 36 5.29 25.92 7.34
N LYS B 37 4.80 26.26 8.52
CA LYS B 37 5.26 25.64 9.76
C LYS B 37 4.28 24.51 10.07
N VAL B 38 4.79 23.32 10.32
CA VAL B 38 3.92 22.21 10.67
C VAL B 38 4.21 21.69 12.06
N SER B 39 3.17 21.62 12.88
CA SER B 39 3.29 21.10 14.24
C SER B 39 2.39 19.87 14.27
N PHE B 40 2.44 19.12 15.36
CA PHE B 40 1.65 17.90 15.47
C PHE B 40 0.88 17.72 16.76
N GLN B 41 -0.29 17.11 16.63
CA GLN B 41 -1.11 16.73 17.77
C GLN B 41 -1.03 15.22 17.59
N ASP B 42 -0.01 14.62 18.20
CA ASP B 42 0.25 13.20 18.07
C ASP B 42 -0.27 12.41 19.27
N GLU B 43 -1.10 11.40 19.00
CA GLU B 43 -1.68 10.58 20.06
C GLU B 43 -1.45 9.09 19.83
N ALA B 44 -0.75 8.47 20.77
CA ALA B 44 -0.45 7.05 20.68
C ALA B 44 -1.47 6.24 21.47
N SER B 45 -1.89 5.13 20.89
CA SER B 45 -2.83 4.20 21.54
C SER B 45 -2.75 2.88 20.79
N GLY B 46 -3.38 1.85 21.33
CA GLY B 46 -3.41 0.58 20.61
C GLY B 46 -4.12 0.90 19.29
N SER B 47 -3.77 0.20 18.22
CA SER B 47 -4.37 0.52 16.92
C SER B 47 -5.88 0.41 16.79
N VAL B 48 -6.50 -0.52 17.53
CA VAL B 48 -7.95 -0.65 17.43
C VAL B 48 -8.56 0.59 18.07
N MET B 49 -7.99 1.02 19.19
CA MET B 49 -8.47 2.21 19.87
C MET B 49 -8.27 3.46 19.01
N ALA B 50 -7.15 3.51 18.30
CA ALA B 50 -6.87 4.65 17.43
C ALA B 50 -7.98 4.80 16.39
N VAL B 51 -8.42 3.68 15.84
CA VAL B 51 -9.49 3.69 14.85
C VAL B 51 -10.83 4.04 15.50
N ARG B 52 -11.10 3.46 16.65
CA ARG B 52 -12.37 3.72 17.33
C ARG B 52 -12.52 5.16 17.77
N LYS B 53 -11.41 5.86 17.95
CA LYS B 53 -11.51 7.27 18.34
C LYS B 53 -12.31 7.99 17.26
N VAL B 54 -12.08 7.58 16.01
CA VAL B 54 -12.75 8.19 14.88
C VAL B 54 -14.13 7.64 14.61
N THR B 55 -14.26 6.32 14.65
CA THR B 55 -15.54 5.69 14.35
C THR B 55 -16.60 5.72 15.45
N ASP B 56 -16.18 5.70 16.70
CA ASP B 56 -17.13 5.70 17.81
C ASP B 56 -17.07 6.88 18.76
N LEU B 57 -15.90 7.48 18.93
CA LEU B 57 -15.77 8.60 19.87
C LEU B 57 -15.86 10.00 19.26
N GLY B 58 -16.20 10.08 17.98
CA GLY B 58 -16.36 11.36 17.30
C GLY B 58 -15.15 12.27 17.20
N ARG B 59 -13.95 11.70 17.27
CA ARG B 59 -12.72 12.48 17.15
C ARG B 59 -12.39 12.78 15.69
N LYS B 60 -11.83 13.95 15.45
CA LYS B 60 -11.42 14.34 14.10
C LYS B 60 -9.91 14.10 14.02
N ALA B 61 -9.44 13.66 12.85
CA ALA B 61 -8.00 13.40 12.66
C ALA B 61 -7.61 13.53 11.20
N ASP B 62 -6.31 13.64 10.96
CA ASP B 62 -5.79 13.74 9.60
C ASP B 62 -5.23 12.40 9.16
N VAL B 63 -4.34 11.86 10.00
CA VAL B 63 -3.64 10.60 9.72
C VAL B 63 -3.86 9.52 10.76
N ILE B 64 -4.09 8.29 10.29
CA ILE B 64 -4.25 7.15 11.18
C ILE B 64 -3.19 6.12 10.76
N GLY B 65 -2.36 5.71 11.72
CA GLY B 65 -1.33 4.71 11.46
C GLY B 65 -1.58 3.51 12.36
N VAL B 66 -1.71 2.32 11.76
CA VAL B 66 -2.01 1.12 12.53
C VAL B 66 -0.96 0.02 12.37
N ALA B 67 -0.85 -0.82 13.40
CA ALA B 67 0.11 -1.91 13.41
C ALA B 67 -0.36 -3.14 12.61
N ASP B 68 -1.65 -3.17 12.28
CA ASP B 68 -2.22 -4.24 11.47
C ASP B 68 -3.13 -3.55 10.45
N TYR B 69 -2.68 -3.47 9.20
CA TYR B 69 -3.42 -2.79 8.15
C TYR B 69 -4.87 -3.24 8.01
N THR B 70 -5.13 -4.49 8.39
CA THR B 70 -6.46 -5.07 8.32
C THR B 70 -7.54 -4.14 8.89
N LEU B 71 -7.20 -3.42 9.95
CA LEU B 71 -8.14 -2.53 10.62
C LEU B 71 -8.68 -1.42 9.74
N ILE B 72 -7.89 -0.96 8.76
CA ILE B 72 -8.38 0.13 7.93
C ILE B 72 -9.51 -0.30 7.00
N PRO B 73 -9.31 -1.31 6.13
CA PRO B 73 -10.45 -1.66 5.29
C PRO B 73 -11.61 -2.28 6.10
N GLN B 74 -11.29 -2.90 7.24
CA GLN B 74 -12.33 -3.51 8.04
C GLN B 74 -13.22 -2.50 8.76
N LEU B 75 -12.63 -1.43 9.27
CA LEU B 75 -13.38 -0.45 10.06
C LEU B 75 -13.53 0.97 9.53
N LEU B 76 -12.63 1.39 8.64
CA LEU B 76 -12.66 2.77 8.13
C LEU B 76 -13.11 2.97 6.69
N ILE B 77 -13.09 1.91 5.89
CA ILE B 77 -13.48 2.02 4.50
C ILE B 77 -14.88 1.43 4.33
N PRO B 78 -15.76 2.13 3.60
CA PRO B 78 -15.54 3.41 2.92
C PRO B 78 -16.06 4.67 3.64
N ASN B 79 -16.61 4.51 4.85
CA ASN B 79 -17.16 5.67 5.54
C ASN B 79 -16.21 6.79 5.96
N TYR B 80 -14.94 6.48 6.19
CA TYR B 80 -14.01 7.51 6.61
C TYR B 80 -12.82 7.74 5.69
N THR B 81 -12.51 6.73 4.87
CA THR B 81 -11.42 6.86 3.92
C THR B 81 -11.64 5.85 2.80
N ASP B 82 -10.88 6.00 1.72
CA ASP B 82 -11.00 5.10 0.58
C ASP B 82 -9.69 4.47 0.13
N PHE B 83 -8.67 4.49 0.98
CA PHE B 83 -7.39 3.90 0.60
C PHE B 83 -6.53 3.67 1.83
N TYR B 84 -5.46 2.89 1.64
CA TYR B 84 -4.48 2.66 2.69
C TYR B 84 -3.16 2.32 2.04
N VAL B 85 -2.07 2.58 2.76
CA VAL B 85 -0.73 2.29 2.28
C VAL B 85 -0.06 1.31 3.24
N LEU B 86 0.41 0.18 2.71
CA LEU B 86 1.12 -0.82 3.52
C LEU B 86 2.58 -0.34 3.50
N PHE B 87 3.22 -0.30 4.67
CA PHE B 87 4.58 0.23 4.70
C PHE B 87 5.63 -0.37 5.62
N ALA B 88 5.24 -1.13 6.64
CA ALA B 88 6.26 -1.66 7.54
C ALA B 88 5.88 -3.03 8.10
N THR B 89 6.82 -3.68 8.77
CA THR B 89 6.55 -5.00 9.33
C THR B 89 7.18 -5.12 10.72
N ASN B 90 7.05 -6.31 11.32
CA ASN B 90 7.58 -6.57 12.66
C ASN B 90 7.47 -8.06 12.99
N GLU B 91 7.81 -8.41 14.24
CA GLU B 91 7.83 -9.80 14.71
C GLU B 91 7.54 -9.81 16.20
N ILE B 92 6.85 -10.83 16.70
CA ILE B 92 6.58 -10.93 18.13
C ILE B 92 7.74 -11.69 18.80
N VAL B 93 8.22 -11.17 19.93
CA VAL B 93 9.28 -11.83 20.70
C VAL B 93 8.84 -11.82 22.17
N ILE B 94 9.61 -12.48 23.04
CA ILE B 94 9.32 -12.48 24.48
C ILE B 94 10.48 -11.76 25.13
N ALA B 95 10.21 -10.61 25.74
CA ALA B 95 11.26 -9.79 26.37
C ALA B 95 11.31 -9.91 27.89
N PHE B 96 12.47 -9.57 28.46
CA PHE B 96 12.71 -9.70 29.90
C PHE B 96 13.93 -8.87 30.32
N THR B 97 14.31 -8.96 31.59
CA THR B 97 15.52 -8.27 32.08
C THR B 97 16.25 -9.23 33.00
N ASP B 98 17.42 -8.84 33.47
CA ASP B 98 18.19 -9.71 34.37
C ASP B 98 17.47 -9.99 35.69
N LYS B 99 16.41 -9.24 35.99
CA LYS B 99 15.66 -9.46 37.23
C LYS B 99 14.49 -10.43 37.05
N SER B 100 14.24 -10.84 35.82
CA SER B 100 13.15 -11.76 35.53
C SER B 100 13.43 -13.14 36.12
N ARG B 101 12.42 -13.74 36.73
CA ARG B 101 12.57 -15.05 37.35
C ARG B 101 12.91 -16.12 36.31
N TYR B 102 13.97 -16.87 36.60
CA TYR B 102 14.43 -17.95 35.73
C TYR B 102 14.95 -17.47 34.37
N VAL B 103 15.35 -16.21 34.30
CA VAL B 103 15.82 -15.64 33.05
C VAL B 103 16.97 -16.42 32.41
N GLU B 104 17.89 -16.91 33.23
CA GLU B 104 19.00 -17.67 32.66
C GLU B 104 18.52 -18.95 31.99
N GLU B 105 17.50 -19.58 32.56
CA GLU B 105 16.94 -20.80 31.98
C GLU B 105 16.24 -20.48 30.66
N MET B 106 15.51 -19.37 30.63
CA MET B 106 14.80 -18.93 29.43
C MET B 106 15.81 -18.68 28.31
N LYS B 107 16.91 -18.01 28.63
CA LYS B 107 17.93 -17.69 27.65
C LYS B 107 18.62 -18.94 27.08
N SER B 108 18.92 -19.90 27.95
CA SER B 108 19.60 -21.11 27.52
C SER B 108 18.68 -22.18 26.92
N ASN B 109 17.39 -22.06 27.18
CA ASN B 109 16.41 -23.04 26.66
C ASN B 109 15.21 -22.32 26.11
N PRO B 110 15.41 -21.44 25.12
CA PRO B 110 14.28 -20.71 24.55
C PRO B 110 13.17 -21.57 23.98
N ASP B 111 13.49 -22.81 23.60
CA ASP B 111 12.48 -23.71 23.05
C ASP B 111 11.49 -24.19 24.09
N LYS B 112 11.76 -23.86 25.36
CA LYS B 112 10.87 -24.27 26.44
C LYS B 112 10.23 -23.07 27.10
N TRP B 113 10.14 -21.97 26.35
CA TRP B 113 9.54 -20.74 26.87
C TRP B 113 8.17 -20.97 27.50
N TYR B 114 7.35 -21.80 26.86
CA TYR B 114 5.99 -22.04 27.36
C TYR B 114 5.96 -22.79 28.69
N GLU B 115 7.01 -23.55 28.98
CA GLU B 115 7.06 -24.27 30.26
C GLU B 115 7.43 -23.28 31.36
N ILE B 116 8.35 -22.37 31.07
CA ILE B 116 8.75 -21.38 32.06
C ILE B 116 7.57 -20.46 32.38
N LEU B 117 6.84 -20.04 31.36
CA LEU B 117 5.69 -19.15 31.59
C LEU B 117 4.58 -19.82 32.39
N ALA B 118 4.55 -21.16 32.39
CA ALA B 118 3.52 -21.89 33.12
C ALA B 118 3.87 -22.11 34.58
N ARG B 119 5.07 -21.71 34.98
CA ARG B 119 5.45 -21.89 36.38
C ARG B 119 4.63 -20.97 37.27
N GLU B 120 4.16 -21.52 38.38
CA GLU B 120 3.32 -20.78 39.33
C GLU B 120 3.81 -19.40 39.74
N ASP B 121 5.12 -19.26 39.90
CA ASP B 121 5.71 -17.99 40.33
C ASP B 121 6.21 -17.08 39.21
N VAL B 122 5.86 -17.39 37.97
CA VAL B 122 6.29 -16.54 36.86
C VAL B 122 5.10 -15.71 36.38
N ARG B 123 5.33 -14.41 36.21
CA ARG B 123 4.28 -13.52 35.76
C ARG B 123 4.61 -13.00 34.38
N PHE B 124 3.62 -12.98 33.49
CA PHE B 124 3.87 -12.45 32.16
C PHE B 124 2.78 -11.48 31.75
N GLY B 125 3.06 -10.72 30.70
CA GLY B 125 2.09 -9.75 30.27
C GLY B 125 1.94 -9.57 28.78
N PHE B 126 0.79 -9.01 28.41
CA PHE B 126 0.47 -8.73 27.02
C PHE B 126 -0.60 -7.65 27.04
N SER B 127 -0.82 -6.99 25.92
CA SER B 127 -1.80 -5.91 25.91
C SER B 127 -3.20 -6.38 25.60
N ASP B 128 -4.17 -5.50 25.84
CA ASP B 128 -5.58 -5.80 25.64
C ASP B 128 -5.88 -6.02 24.16
N PRO B 129 -6.26 -7.24 23.77
CA PRO B 129 -6.57 -7.53 22.37
C PRO B 129 -7.70 -6.68 21.80
N ASN B 130 -8.57 -6.18 22.67
CA ASN B 130 -9.68 -5.34 22.21
C ASN B 130 -9.22 -3.95 21.75
N GLN B 131 -8.02 -3.55 22.15
CA GLN B 131 -7.54 -2.23 21.76
C GLN B 131 -6.26 -2.24 20.98
N ASP B 132 -5.53 -3.35 21.04
CA ASP B 132 -4.19 -3.37 20.47
C ASP B 132 -3.78 -4.62 19.70
N PRO B 133 -3.31 -4.44 18.45
CA PRO B 133 -2.90 -5.64 17.70
C PRO B 133 -1.80 -6.46 18.39
N CYS B 134 -0.86 -5.81 19.10
CA CYS B 134 0.19 -6.58 19.75
C CYS B 134 -0.46 -7.58 20.71
N GLY B 135 -1.53 -7.12 21.34
CA GLY B 135 -2.27 -7.95 22.28
C GLY B 135 -2.98 -9.12 21.62
N TYR B 136 -3.74 -8.87 20.54
CA TYR B 136 -4.38 -10.02 19.93
C TYR B 136 -3.36 -10.90 19.23
N ARG B 137 -2.24 -10.32 18.79
CA ARG B 137 -1.20 -11.13 18.14
C ARG B 137 -0.52 -12.04 19.15
N SER B 138 -0.40 -11.57 20.39
CA SER B 138 0.22 -12.36 21.45
C SER B 138 -0.64 -13.60 21.68
N LEU B 139 -1.95 -13.42 21.66
CA LEU B 139 -2.85 -14.55 21.85
C LEU B 139 -2.76 -15.49 20.65
N MET B 140 -2.65 -14.93 19.44
CA MET B 140 -2.51 -15.76 18.24
C MET B 140 -1.22 -16.58 18.31
N VAL B 141 -0.15 -15.96 18.80
CA VAL B 141 1.14 -16.63 18.90
C VAL B 141 1.07 -17.85 19.81
N ILE B 142 0.44 -17.69 20.96
CA ILE B 142 0.31 -18.79 21.90
C ILE B 142 -0.58 -19.89 21.34
N LYS B 143 -1.66 -19.50 20.64
CA LYS B 143 -2.55 -20.50 20.05
C LYS B 143 -1.81 -21.24 18.92
N LEU B 144 -1.02 -20.51 18.14
CA LEU B 144 -0.24 -21.14 17.07
C LEU B 144 0.78 -22.11 17.69
N ALA B 145 1.25 -21.79 18.90
CA ALA B 145 2.21 -22.65 19.59
C ALA B 145 1.55 -24.02 19.82
N ASP B 146 0.25 -24.05 20.09
CA ASP B 146 -0.46 -25.31 20.27
C ASP B 146 -0.23 -26.22 19.07
N LEU B 147 -0.41 -25.65 17.89
CA LEU B 147 -0.25 -26.39 16.65
C LEU B 147 1.21 -26.73 16.35
N TYR B 148 2.13 -25.84 16.68
CA TYR B 148 3.55 -26.07 16.41
C TYR B 148 4.15 -27.15 17.30
N TYR B 149 3.88 -27.06 18.59
CA TYR B 149 4.43 -28.02 19.55
C TYR B 149 3.57 -29.26 19.79
N GLY B 150 2.31 -29.21 19.38
CA GLY B 150 1.41 -30.33 19.60
C GLY B 150 1.09 -30.50 21.08
N LYS B 151 0.81 -29.38 21.74
CA LYS B 151 0.50 -29.37 23.16
C LYS B 151 -0.59 -28.35 23.47
N GLU B 152 -1.22 -28.49 24.63
CA GLU B 152 -2.29 -27.58 25.03
C GLU B 152 -1.75 -26.38 25.80
N ILE B 153 -0.91 -25.59 25.12
CA ILE B 153 -0.28 -24.42 25.72
C ILE B 153 -1.24 -23.27 25.95
N PHE B 154 -2.11 -22.99 24.98
CA PHE B 154 -3.06 -21.90 25.12
C PHE B 154 -3.97 -22.14 26.34
N LYS B 155 -4.37 -23.38 26.53
CA LYS B 155 -5.22 -23.72 27.67
C LYS B 155 -4.50 -23.45 28.98
N GLU B 156 -3.26 -23.91 29.08
CA GLU B 156 -2.49 -23.73 30.30
C GLU B 156 -2.11 -22.28 30.63
N LEU B 157 -1.64 -21.55 29.64
CA LEU B 157 -1.20 -20.17 29.87
C LEU B 157 -2.30 -19.11 29.86
N ILE B 158 -3.28 -19.29 28.99
CA ILE B 158 -4.33 -18.29 28.84
C ILE B 158 -5.71 -18.67 29.38
N GLU B 159 -6.28 -19.76 28.91
CA GLU B 159 -7.62 -20.14 29.35
C GLU B 159 -7.73 -20.38 30.85
N GLU B 160 -6.67 -20.85 31.48
CA GLU B 160 -6.70 -21.11 32.92
C GLU B 160 -6.30 -19.92 33.77
N ASN B 161 -5.97 -18.79 33.13
CA ASN B 161 -5.55 -17.59 33.84
C ASN B 161 -6.31 -16.33 33.45
N THR B 162 -7.27 -16.46 32.55
CA THR B 162 -8.07 -15.32 32.08
C THR B 162 -9.43 -15.84 31.66
N ASN B 163 -10.29 -14.94 31.23
CA ASN B 163 -11.61 -15.34 30.73
C ASN B 163 -11.62 -15.36 29.19
N ILE B 164 -10.43 -15.42 28.59
CA ILE B 164 -10.29 -15.50 27.14
C ILE B 164 -10.43 -16.99 26.84
N TYR B 165 -11.14 -17.34 25.77
CA TYR B 165 -11.32 -18.76 25.44
C TYR B 165 -11.19 -19.02 23.95
N SER B 166 -11.31 -20.28 23.57
CA SER B 166 -11.21 -20.63 22.16
C SER B 166 -12.11 -21.81 21.82
N ASN B 167 -12.60 -21.80 20.58
CA ASN B 167 -13.45 -22.87 20.08
C ASN B 167 -12.69 -23.35 18.84
N GLY B 168 -11.99 -24.47 18.99
CA GLY B 168 -11.20 -24.95 17.88
C GLY B 168 -10.08 -23.95 17.69
N THR B 169 -9.87 -23.52 16.46
CA THR B 169 -8.80 -22.57 16.14
C THR B 169 -9.21 -21.10 16.27
N GLN B 170 -10.44 -20.86 16.68
CA GLN B 170 -10.92 -19.49 16.82
C GLN B 170 -10.86 -19.01 18.26
N ILE B 171 -10.12 -17.93 18.48
CA ILE B 171 -10.00 -17.35 19.81
C ILE B 171 -11.10 -16.32 19.99
N TYR B 172 -11.59 -16.18 21.22
CA TYR B 172 -12.64 -15.21 21.53
C TYR B 172 -12.22 -14.32 22.69
N ALA B 173 -12.12 -13.02 22.43
CA ALA B 173 -11.75 -12.07 23.47
C ALA B 173 -12.97 -11.29 23.92
N PRO B 174 -13.43 -11.52 25.16
CA PRO B 174 -14.60 -10.75 25.60
C PRO B 174 -14.26 -9.27 25.74
N LYS B 175 -15.27 -8.41 25.64
CA LYS B 175 -15.08 -6.97 25.76
C LYS B 175 -14.35 -6.59 27.04
N GLU B 176 -14.70 -7.28 28.12
CA GLU B 176 -14.07 -7.04 29.41
C GLU B 176 -13.27 -8.26 29.82
N ILE B 177 -11.95 -8.14 29.72
CA ILE B 177 -11.05 -9.22 30.07
C ILE B 177 -10.69 -9.19 31.55
N THR B 178 -10.71 -10.35 32.20
CA THR B 178 -10.35 -10.45 33.62
C THR B 178 -9.23 -11.48 33.69
N VAL B 179 -8.26 -11.23 34.56
CA VAL B 179 -7.11 -12.13 34.68
C VAL B 179 -6.73 -12.45 36.11
N ASN B 180 -5.94 -13.52 36.27
CA ASN B 180 -5.44 -13.95 37.57
C ASN B 180 -4.24 -13.02 37.83
N PRO B 181 -4.36 -12.07 38.76
CA PRO B 181 -3.29 -11.11 39.08
C PRO B 181 -1.95 -11.74 39.49
N GLY B 182 -1.99 -12.97 39.97
CA GLY B 182 -0.75 -13.61 40.37
C GLY B 182 -0.03 -14.22 39.17
N LYS B 183 -0.61 -14.07 37.99
CA LYS B 183 -0.03 -14.64 36.79
C LYS B 183 0.11 -13.72 35.59
N ILE B 184 -0.89 -12.88 35.36
CA ILE B 184 -0.89 -12.02 34.18
C ILE B 184 -1.15 -10.55 34.45
N VAL B 185 -0.48 -9.70 33.68
CA VAL B 185 -0.67 -8.26 33.76
C VAL B 185 -1.04 -7.82 32.35
N ILE B 186 -2.16 -7.13 32.23
CA ILE B 186 -2.62 -6.62 30.94
C ILE B 186 -2.71 -5.09 30.99
N ARG B 187 -2.37 -4.43 29.88
CA ARG B 187 -2.45 -2.97 29.79
C ARG B 187 -3.08 -2.63 28.43
N PRO B 188 -3.62 -1.41 28.27
CA PRO B 188 -4.25 -0.95 27.03
C PRO B 188 -3.42 -1.07 25.76
N LYS B 189 -2.11 -0.84 25.85
CA LYS B 189 -1.26 -0.98 24.67
C LYS B 189 0.09 -1.58 25.09
N GLU B 190 0.75 -2.24 24.14
CA GLU B 190 2.01 -2.90 24.44
C GLU B 190 3.12 -2.05 25.04
N THR B 191 3.25 -0.79 24.62
CA THR B 191 4.31 0.04 25.18
C THR B 191 4.06 0.37 26.66
N ASP B 192 2.83 0.17 27.14
CA ASP B 192 2.51 0.38 28.56
C ASP B 192 3.18 -0.67 29.43
N LEU B 193 3.61 -1.77 28.82
CA LEU B 193 4.24 -2.86 29.57
C LEU B 193 5.72 -2.64 29.83
N LEU B 194 6.32 -1.67 29.16
CA LEU B 194 7.76 -1.43 29.31
C LEU B 194 8.27 -1.08 30.71
N GLY B 195 7.64 -0.11 31.36
CA GLY B 195 8.11 0.26 32.69
C GLY B 195 7.98 -0.87 33.69
N LEU B 196 6.90 -1.64 33.54
CA LEU B 196 6.62 -2.77 34.42
C LEU B 196 7.67 -3.88 34.28
N VAL B 197 8.02 -4.25 33.06
CA VAL B 197 9.02 -5.31 32.93
C VAL B 197 10.41 -4.78 33.28
N GLU B 198 10.69 -3.52 32.94
CA GLU B 198 12.01 -2.95 33.23
C GLU B 198 12.29 -2.87 34.72
N SER B 199 11.24 -2.67 35.52
CA SER B 199 11.39 -2.56 36.97
C SER B 199 11.27 -3.89 37.68
N GLY B 200 11.03 -4.95 36.93
CA GLY B 200 10.91 -6.28 37.53
C GLY B 200 9.53 -6.62 38.05
N SER B 201 8.53 -5.82 37.71
CA SER B 201 7.17 -6.09 38.16
C SER B 201 6.55 -7.24 37.37
N ILE B 202 7.07 -7.46 36.16
CA ILE B 202 6.61 -8.56 35.30
C ILE B 202 7.88 -9.27 34.88
N ASP B 203 7.81 -10.59 34.74
CA ASP B 203 9.01 -11.35 34.34
C ASP B 203 9.21 -11.38 32.82
N TYR B 204 8.13 -11.63 32.08
CA TYR B 204 8.23 -11.72 30.63
C TYR B 204 7.07 -11.00 29.94
N ILE B 205 7.34 -10.38 28.80
CA ILE B 205 6.24 -9.74 28.07
C ILE B 205 6.30 -10.09 26.59
N PHE B 206 5.12 -10.22 25.98
CA PHE B 206 5.04 -10.46 24.55
C PHE B 206 5.06 -9.07 23.94
N ILE B 207 6.00 -8.80 23.04
CA ILE B 207 6.06 -7.48 22.46
C ILE B 207 6.80 -7.52 21.13
N TYR B 208 6.67 -6.47 20.33
CA TYR B 208 7.35 -6.41 19.05
C TYR B 208 8.87 -6.32 19.19
N LYS B 209 9.55 -6.97 18.25
CA LYS B 209 11.00 -6.96 18.21
C LYS B 209 11.53 -5.52 18.10
N SER B 210 10.89 -4.68 17.29
CA SER B 210 11.40 -3.30 17.14
C SER B 210 11.37 -2.55 18.45
N VAL B 211 10.32 -2.77 19.24
CA VAL B 211 10.16 -2.07 20.50
C VAL B 211 11.18 -2.56 21.53
N ALA B 212 11.42 -3.87 21.56
CA ALA B 212 12.42 -4.41 22.48
C ALA B 212 13.79 -3.79 22.16
N LYS B 213 14.13 -3.74 20.87
CA LYS B 213 15.43 -3.18 20.46
C LYS B 213 15.53 -1.70 20.82
N GLN B 214 14.46 -0.96 20.58
CA GLN B 214 14.43 0.47 20.87
C GLN B 214 14.64 0.77 22.35
N HIS B 215 14.12 -0.11 23.20
CA HIS B 215 14.22 0.10 24.64
C HIS B 215 15.26 -0.72 25.39
N ASN B 216 16.24 -1.24 24.65
CA ASN B 216 17.34 -2.02 25.24
C ASN B 216 16.89 -3.21 26.08
N LEU B 217 15.84 -3.88 25.63
CA LEU B 217 15.34 -5.06 26.33
C LEU B 217 15.83 -6.32 25.64
N SER B 218 16.39 -7.24 26.42
CA SER B 218 16.83 -8.51 25.86
C SER B 218 15.59 -9.32 25.58
N TYR B 219 15.69 -10.30 24.69
CA TYR B 219 14.53 -11.10 24.36
C TYR B 219 14.92 -12.41 23.72
N ILE B 220 13.96 -13.32 23.62
CA ILE B 220 14.22 -14.58 22.92
C ILE B 220 13.29 -14.58 21.71
N THR B 221 13.72 -15.23 20.64
CA THR B 221 12.90 -15.30 19.46
C THR B 221 12.13 -16.62 19.48
N LEU B 222 11.00 -16.63 18.78
CA LEU B 222 10.13 -17.81 18.72
C LEU B 222 10.20 -18.40 17.31
N PRO B 223 9.72 -19.63 17.14
CA PRO B 223 9.74 -20.28 15.82
C PRO B 223 9.06 -19.44 14.74
N SER B 224 9.61 -19.48 13.53
CA SER B 224 9.01 -18.70 12.44
C SER B 224 7.54 -19.03 12.19
N GLU B 225 7.11 -20.27 12.45
CA GLU B 225 5.71 -20.61 12.22
C GLU B 225 4.74 -20.01 13.23
N ILE B 226 5.24 -19.37 14.29
CA ILE B 226 4.34 -18.76 15.26
C ILE B 226 4.61 -17.29 15.58
N ASN B 227 5.73 -16.73 15.11
CA ASN B 227 6.06 -15.35 15.49
C ASN B 227 5.48 -14.20 14.68
N LEU B 228 4.78 -14.54 13.60
CA LEU B 228 4.11 -13.59 12.73
C LEU B 228 5.01 -12.64 11.96
N GLY B 229 6.32 -12.92 11.95
CA GLY B 229 7.24 -12.06 11.24
C GLY B 229 7.80 -12.65 9.96
N ASP B 230 7.41 -13.88 9.63
CA ASP B 230 7.91 -14.57 8.43
C ASP B 230 6.81 -14.67 7.38
N PHE B 231 6.93 -13.89 6.32
CA PHE B 231 5.90 -13.89 5.30
C PHE B 231 5.68 -15.25 4.65
N SER B 232 6.71 -16.08 4.58
CA SER B 232 6.57 -17.38 3.95
C SER B 232 5.71 -18.37 4.77
N LYS B 233 5.42 -18.03 6.03
CA LYS B 233 4.60 -18.89 6.88
C LYS B 233 3.15 -18.45 6.99
N GLU B 234 2.74 -17.61 6.05
CA GLU B 234 1.38 -17.08 6.00
C GLU B 234 0.28 -18.14 6.08
N LYS B 235 0.45 -19.26 5.40
CA LYS B 235 -0.60 -20.27 5.44
C LYS B 235 -0.68 -20.94 6.81
N PHE B 236 0.45 -21.10 7.48
CA PHE B 236 0.43 -21.70 8.81
C PHE B 236 -0.28 -20.73 9.77
N TYR B 237 0.10 -19.46 9.71
CA TYR B 237 -0.49 -18.44 10.59
C TYR B 237 -2.00 -18.42 10.43
N GLY B 238 -2.45 -18.48 9.18
CA GLY B 238 -3.87 -18.42 8.86
C GLY B 238 -4.80 -19.45 9.47
N GLN B 239 -4.24 -20.47 10.12
CA GLN B 239 -5.08 -21.48 10.76
C GLN B 239 -5.82 -20.90 11.96
N ILE B 240 -5.26 -19.84 12.53
CA ILE B 240 -5.81 -19.22 13.72
C ILE B 240 -6.45 -17.84 13.44
N SER B 241 -7.54 -17.57 14.15
CA SER B 241 -8.25 -16.29 14.05
C SER B 241 -8.74 -15.89 15.43
N ILE B 242 -9.07 -14.61 15.59
CA ILE B 242 -9.58 -14.11 16.85
C ILE B 242 -10.75 -13.16 16.60
N THR B 243 -11.75 -13.22 17.48
CA THR B 243 -12.92 -12.34 17.38
C THR B 243 -12.80 -11.37 18.54
N LEU B 244 -12.84 -10.08 18.25
CA LEU B 244 -12.70 -9.05 19.28
C LEU B 244 -14.01 -8.57 19.84
N GLY B 245 -14.10 -8.50 21.17
CA GLY B 245 -15.32 -8.02 21.79
C GLY B 245 -15.62 -6.57 21.46
N SER B 246 -14.57 -5.76 21.33
CA SER B 246 -14.75 -4.35 21.04
C SER B 246 -15.34 -4.05 19.67
N THR B 247 -14.98 -4.83 18.66
CA THR B 247 -15.47 -4.60 17.29
C THR B 247 -16.50 -5.63 16.83
N GLY B 248 -16.49 -6.79 17.47
CA GLY B 248 -17.40 -7.86 17.10
C GLY B 248 -16.95 -8.53 15.83
N LYS B 249 -15.78 -8.14 15.33
CA LYS B 249 -15.27 -8.71 14.10
C LYS B 249 -14.08 -9.65 14.28
N THR B 250 -13.89 -10.51 13.28
CA THR B 250 -12.82 -11.49 13.31
C THR B 250 -11.62 -11.03 12.51
N ILE B 251 -10.43 -11.37 13.01
CA ILE B 251 -9.17 -11.04 12.37
C ILE B 251 -8.32 -12.31 12.30
N LYS B 252 -7.84 -12.63 11.10
CA LYS B 252 -7.02 -13.81 10.91
C LYS B 252 -5.57 -13.53 11.26
N ALA B 253 -4.86 -14.52 11.80
CA ALA B 253 -3.45 -14.34 12.11
C ALA B 253 -2.78 -14.29 10.74
N LYS B 254 -1.83 -13.36 10.59
CA LYS B 254 -1.14 -13.18 9.32
C LYS B 254 0.17 -12.42 9.56
N PRO B 255 1.05 -12.37 8.56
CA PRO B 255 2.32 -11.66 8.73
C PRO B 255 2.01 -10.21 9.14
N ILE B 256 2.82 -9.67 10.04
CA ILE B 256 2.64 -8.31 10.51
C ILE B 256 2.93 -7.27 9.43
N VAL B 257 1.91 -6.51 9.07
CA VAL B 257 2.04 -5.45 8.08
C VAL B 257 1.33 -4.21 8.60
N TYR B 258 2.08 -3.12 8.75
CA TYR B 258 1.55 -1.85 9.22
C TYR B 258 0.89 -1.09 8.06
N GLY B 259 -0.14 -0.31 8.38
CA GLY B 259 -0.84 0.46 7.35
C GLY B 259 -1.06 1.88 7.79
N VAL B 260 -1.18 2.79 6.83
CA VAL B 260 -1.42 4.19 7.14
C VAL B 260 -2.41 4.77 6.13
N THR B 261 -3.16 5.76 6.56
CA THR B 261 -4.14 6.39 5.67
C THR B 261 -4.40 7.82 6.10
N VAL B 262 -5.02 8.60 5.20
CA VAL B 262 -5.40 9.98 5.47
C VAL B 262 -6.92 9.95 5.32
N LEU B 263 -7.62 10.49 6.30
CA LEU B 263 -9.08 10.47 6.25
C LEU B 263 -9.62 11.38 5.15
N LYS B 264 -10.75 10.98 4.58
CA LYS B 264 -11.38 11.75 3.51
C LYS B 264 -11.67 13.19 3.95
N ASP B 265 -12.15 13.34 5.17
CA ASP B 265 -12.49 14.65 5.73
C ASP B 265 -11.41 15.25 6.61
N ALA B 266 -10.16 14.84 6.41
CA ALA B 266 -9.05 15.37 7.19
C ALA B 266 -9.05 16.90 7.13
N PRO B 267 -8.93 17.57 8.30
CA PRO B 267 -8.92 19.04 8.35
C PRO B 267 -7.85 19.67 7.46
N ASN B 268 -6.69 19.04 7.38
CA ASN B 268 -5.60 19.53 6.54
C ASN B 268 -5.10 18.40 5.65
N ARG B 269 -5.98 17.96 4.77
CA ARG B 269 -5.67 16.85 3.87
C ARG B 269 -4.42 17.04 3.00
N GLU B 270 -4.25 18.24 2.45
CA GLU B 270 -3.10 18.51 1.60
C GLU B 270 -1.78 18.26 2.31
N VAL B 271 -1.62 18.85 3.50
CA VAL B 271 -0.39 18.66 4.25
C VAL B 271 -0.26 17.22 4.74
N ALA B 272 -1.39 16.60 5.07
CA ALA B 272 -1.40 15.21 5.55
C ALA B 272 -0.86 14.27 4.46
N ILE B 273 -1.24 14.52 3.21
CA ILE B 273 -0.78 13.71 2.09
C ILE B 273 0.73 13.90 1.91
N GLU B 274 1.22 15.13 2.11
CA GLU B 274 2.65 15.40 2.01
C GLU B 274 3.36 14.63 3.12
N PHE B 275 2.75 14.58 4.30
CA PHE B 275 3.36 13.86 5.43
C PHE B 275 3.47 12.37 5.06
N LEU B 276 2.41 11.83 4.48
CA LEU B 276 2.40 10.42 4.08
C LEU B 276 3.52 10.13 3.09
N ARG B 277 3.66 10.99 2.07
CA ARG B 277 4.73 10.75 1.12
C ARG B 277 6.11 10.89 1.77
N TYR B 278 6.24 11.78 2.76
CA TYR B 278 7.53 11.92 3.43
C TYR B 278 7.82 10.63 4.19
N LEU B 279 6.82 10.10 4.87
CA LEU B 279 6.98 8.85 5.60
C LEU B 279 7.42 7.69 4.70
N LEU B 280 6.89 7.65 3.48
CA LEU B 280 7.21 6.60 2.52
C LEU B 280 8.54 6.81 1.77
N SER B 281 9.03 8.04 1.81
CA SER B 281 10.27 8.41 1.13
C SER B 281 11.49 7.71 1.73
N GLU B 282 12.64 7.89 1.09
CA GLU B 282 13.87 7.29 1.59
C GLU B 282 14.16 7.81 3.00
N ASN B 283 13.65 9.00 3.31
CA ASN B 283 13.86 9.59 4.64
C ASN B 283 13.11 8.83 5.70
N GLY B 284 11.85 8.52 5.45
CA GLY B 284 11.08 7.76 6.40
C GLY B 284 11.64 6.36 6.58
N LYS B 285 12.04 5.73 5.47
CA LYS B 285 12.60 4.38 5.55
C LYS B 285 13.87 4.40 6.39
N ARG B 286 14.73 5.38 6.13
CA ARG B 286 15.98 5.52 6.86
C ARG B 286 15.69 5.68 8.36
N ILE B 287 14.70 6.50 8.69
CA ILE B 287 14.36 6.72 10.09
C ILE B 287 13.81 5.45 10.75
N PHE B 288 12.98 4.70 10.04
CA PHE B 288 12.46 3.47 10.64
C PHE B 288 13.57 2.45 10.86
N GLU B 289 14.44 2.28 9.87
CA GLU B 289 15.53 1.31 10.00
C GLU B 289 16.51 1.71 11.11
N LYS B 290 16.80 3.01 11.22
CA LYS B 290 17.69 3.51 12.26
C LYS B 290 17.08 3.15 13.61
N ASN B 291 15.75 3.15 13.65
CA ASN B 291 15.04 2.82 14.88
C ASN B 291 14.56 1.37 14.99
N HIS B 292 15.27 0.49 14.30
CA HIS B 292 15.03 -0.95 14.39
C HIS B 292 13.72 -1.55 13.92
N GLN B 293 13.09 -0.94 12.91
CA GLN B 293 11.86 -1.52 12.36
C GLN B 293 12.01 -1.54 10.85
N ASP B 294 11.73 -2.68 10.22
CA ASP B 294 11.87 -2.77 8.78
C ASP B 294 10.66 -2.26 8.02
N PHE B 295 10.92 -1.68 6.85
CA PHE B 295 9.85 -1.25 5.98
C PHE B 295 9.43 -2.50 5.22
N LEU B 296 8.28 -2.44 4.57
CA LEU B 296 7.79 -3.57 3.82
C LEU B 296 8.61 -3.72 2.54
#